data_8T2P
#
_entry.id   8T2P
#
_cell.length_a   1.00
_cell.length_b   1.00
_cell.length_c   1.00
_cell.angle_alpha   90.00
_cell.angle_beta   90.00
_cell.angle_gamma   90.00
#
_symmetry.space_group_name_H-M   'P 1'
#
loop_
_entity.id
_entity.type
_entity.pdbx_description
1 polymer 'RNA (135-MER)'
2 polymer 'RNA (152-MER)'
#
loop_
_entity_poly.entity_id
_entity_poly.type
_entity_poly.pdbx_seq_one_letter_code
_entity_poly.pdbx_strand_id
1 'polyribonucleotide'
;GACCAAUCUGCCCUCAGAGCUCGAGAACAUCUUCGGAUGCAGAGGAGGCAGGCUUCGGUGGCGCGAUAGCGCCAACGUCC
UCAACCUCCAAUGCAUCCCACCACAUGAUGAUGCCUGAAGAGCCUUGGUUUUUUG
;
A
2 'polyribonucleotide'
;GGAUCUUCUCGAUCUAACAAAAAAGACAAAUCUGCCACAAAGCUUGAGAGCAUCUUCGGAUGCAGAGGCGGCAGCCUUCG
GUGGCGCGAUAGCGCCAACGUUCUCAACUAUGACACGCAAAACGCGUGCUCCGUUGAAUGGAGUUUAUCAUG
;
B
#